data_4H85
#
_entry.id   4H85
#
_cell.length_a   127.619
_cell.length_b   127.619
_cell.length_c   73.987
_cell.angle_alpha   90.00
_cell.angle_beta   90.00
_cell.angle_gamma   90.00
#
_symmetry.space_group_name_H-M   'P 42 21 2'
#
loop_
_entity.id
_entity.type
_entity.pdbx_description
1 polymer '[3-methyl-2-oxobutanoate dehydrogenase [lipoamide]] kinase, mitochondrial'
2 non-polymer "ADENOSINE-5'-DIPHOSPHATE"
3 non-polymer 'MAGNESIUM ION'
4 non-polymer 'POTASSIUM ION'
5 non-polymer 'ALPHA-CHLOROISOCAPROIC ACID'
6 water water
#
_entity_poly.entity_id   1
_entity_poly.type   'polypeptide(L)'
_entity_poly.pdbx_seq_one_letter_code
;MILTSVLGSGPRSGSSLWPLLGSSLSLRVRSTSATDTHHVELARERSKTVTSFYNQSAIDVVAEKPSVRLTPTMMLYSGR
SQDGSHLLKSGRYLQQELPVRIAHRIKGFRSLPFIIGCNPTILHVHELYIRAFQKLTDFPPIKDQADEAQYCQLVRQLLD
DHKDVVTLLAEGLRESRKHIEDEKLVRYFLDKTLTSRLGIRMLATHHLALHEDKPDFVGIICTRLSPKKIIEKWVDFARR
LCEHKYGNAPRVRINGHVAARFPFIPMPLDYILPELLKNAMRATMESHLDTPYNVPDVVITIANNDVDLIIRISDRGGGI
AHKDLDRVMDYHFTTAEASTQDPRISPLFGHLDMHSGGQSGPMHGFGFGLPTSRAYAEYLGGSLQLQSLQGIGTDVYLRL
RHIDGREESFRIHHHHHH
;
_entity_poly.pdbx_strand_id   A
#
# COMPACT_ATOMS: atom_id res chain seq x y z
N MET A 74 12.58 5.64 -9.54
CA MET A 74 13.19 5.98 -8.25
C MET A 74 14.09 4.87 -7.73
N MET A 75 15.19 5.25 -7.10
CA MET A 75 16.15 4.26 -6.62
C MET A 75 16.36 4.31 -5.10
N LEU A 76 16.43 3.13 -4.49
CA LEU A 76 16.69 3.02 -3.05
C LEU A 76 18.16 2.66 -2.78
N TYR A 77 18.94 3.64 -2.35
CA TYR A 77 20.38 3.46 -2.09
C TYR A 77 20.68 2.36 -1.08
N SER A 78 21.50 1.40 -1.48
CA SER A 78 21.92 0.33 -0.59
C SER A 78 23.35 0.56 -0.09
N GLY A 79 23.95 1.66 -0.54
CA GLY A 79 25.32 1.98 -0.20
C GLY A 79 25.55 2.09 1.30
N ARG A 80 26.78 1.79 1.72
CA ARG A 80 27.15 1.83 3.13
C ARG A 80 28.52 2.45 3.31
N SER A 81 28.72 3.12 4.44
CA SER A 81 30.00 3.79 4.73
C SER A 81 30.13 4.16 6.22
N GLN A 82 31.36 4.27 6.69
CA GLN A 82 31.61 4.56 8.10
C GLN A 82 31.64 6.07 8.38
N ASP A 83 32.22 6.83 7.44
CA ASP A 83 32.26 8.28 7.57
C ASP A 83 30.86 8.90 7.45
N GLY A 84 29.87 8.06 7.13
CA GLY A 84 28.49 8.50 7.01
C GLY A 84 28.23 9.27 5.74
N SER A 85 29.10 9.09 4.76
CA SER A 85 29.00 9.80 3.49
C SER A 85 27.79 9.37 2.67
N HIS A 86 27.35 8.12 2.88
CA HIS A 86 26.23 7.58 2.13
C HIS A 86 24.90 8.22 2.54
N LEU A 87 24.84 8.66 3.80
CA LEU A 87 23.65 9.34 4.30
C LEU A 87 23.53 10.71 3.65
N LEU A 88 24.67 11.39 3.48
CA LEU A 88 24.69 12.68 2.80
C LEU A 88 24.24 12.53 1.35
N LYS A 89 24.78 11.52 0.68
CA LYS A 89 24.44 11.29 -0.72
C LYS A 89 22.94 10.99 -0.84
N SER A 90 22.44 10.13 0.04
CA SER A 90 21.02 9.79 0.08
C SER A 90 20.15 11.02 0.33
N GLY A 91 20.53 11.80 1.33
CA GLY A 91 19.77 13.00 1.68
C GLY A 91 19.67 13.97 0.52
N ARG A 92 20.82 14.22 -0.12
CA ARG A 92 20.90 15.08 -1.29
C ARG A 92 20.00 14.57 -2.42
N TYR A 93 19.99 13.27 -2.64
CA TYR A 93 19.15 12.69 -3.69
C TYR A 93 17.68 12.93 -3.37
N LEU A 94 17.29 12.64 -2.12
CA LEU A 94 15.94 12.86 -1.65
C LEU A 94 15.56 14.35 -1.80
N GLN A 95 16.46 15.23 -1.40
CA GLN A 95 16.20 16.66 -1.49
C GLN A 95 15.97 17.09 -2.95
N GLN A 96 16.67 16.44 -3.87
CA GLN A 96 16.49 16.72 -5.30
C GLN A 96 15.14 16.20 -5.79
N GLU A 97 14.76 15.02 -5.32
CA GLU A 97 13.67 14.25 -5.89
C GLU A 97 12.29 14.60 -5.33
N LEU A 98 12.20 14.85 -4.04
CA LEU A 98 10.88 15.03 -3.43
C LEU A 98 10.06 16.21 -4.01
N PRO A 99 10.71 17.38 -4.16
CA PRO A 99 9.94 18.54 -4.62
C PRO A 99 9.35 18.30 -6.01
N VAL A 100 10.13 17.67 -6.89
CA VAL A 100 9.64 17.37 -8.23
C VAL A 100 8.42 16.45 -8.17
N ARG A 101 8.47 15.44 -7.30
CA ARG A 101 7.36 14.50 -7.26
C ARG A 101 6.11 15.09 -6.61
N ILE A 102 6.30 15.88 -5.56
CA ILE A 102 5.20 16.62 -4.98
C ILE A 102 4.59 17.58 -6.02
N ALA A 103 5.45 18.27 -6.77
CA ALA A 103 4.96 19.15 -7.83
C ALA A 103 4.03 18.41 -8.79
N HIS A 104 4.40 17.20 -9.17
CA HIS A 104 3.53 16.39 -10.02
C HIS A 104 2.20 16.08 -9.35
N ARG A 105 2.20 15.83 -8.04
CA ARG A 105 0.93 15.54 -7.36
C ARG A 105 0.05 16.79 -7.36
N ILE A 106 0.69 17.95 -7.21
CA ILE A 106 -0.06 19.20 -7.20
C ILE A 106 -0.70 19.42 -8.58
N LYS A 107 0.04 19.12 -9.63
CA LYS A 107 -0.51 19.24 -10.99
C LYS A 107 -1.74 18.34 -11.15
N GLY A 108 -1.71 17.15 -10.56
CA GLY A 108 -2.87 16.28 -10.54
C GLY A 108 -4.12 16.89 -9.88
N PHE A 109 -3.94 17.54 -8.74
CA PHE A 109 -5.06 18.25 -8.11
C PHE A 109 -5.57 19.40 -8.98
N ARG A 110 -4.65 20.14 -9.60
CA ARG A 110 -5.01 21.26 -10.46
C ARG A 110 -5.85 20.84 -11.66
N SER A 111 -5.72 19.59 -12.09
CA SER A 111 -6.41 19.11 -13.27
C SER A 111 -7.71 18.36 -12.96
N LEU A 112 -7.96 18.11 -11.68
CA LEU A 112 -9.22 17.51 -11.27
C LEU A 112 -10.38 18.36 -11.78
N PRO A 113 -11.48 17.69 -12.18
CA PRO A 113 -12.70 18.43 -12.52
C PRO A 113 -13.01 19.44 -11.43
N PHE A 114 -13.35 20.65 -11.86
CA PHE A 114 -13.64 21.77 -10.97
C PHE A 114 -14.49 21.38 -9.75
N ILE A 115 -15.61 20.73 -10.01
CA ILE A 115 -16.59 20.42 -8.98
C ILE A 115 -16.01 19.47 -7.92
N ILE A 116 -15.10 18.60 -8.33
CA ILE A 116 -14.39 17.74 -7.39
C ILE A 116 -13.31 18.52 -6.66
N GLY A 117 -12.59 19.37 -7.40
CA GLY A 117 -11.51 20.14 -6.81
C GLY A 117 -12.03 21.11 -5.76
N CYS A 118 -13.30 21.50 -5.87
CA CYS A 118 -13.92 22.42 -4.91
C CYS A 118 -14.43 21.75 -3.62
N ASN A 119 -14.45 20.42 -3.59
CA ASN A 119 -14.81 19.73 -2.35
C ASN A 119 -13.85 20.11 -1.23
N PRO A 120 -14.39 20.50 -0.06
CA PRO A 120 -13.50 21.02 0.97
C PRO A 120 -12.45 20.02 1.45
N THR A 121 -12.76 18.73 1.39
CA THR A 121 -11.78 17.74 1.82
C THR A 121 -10.69 17.58 0.76
N ILE A 122 -11.08 17.61 -0.51
CA ILE A 122 -10.09 17.60 -1.59
C ILE A 122 -9.22 18.85 -1.51
N LEU A 123 -9.85 20.00 -1.28
CA LEU A 123 -9.09 21.24 -1.15
C LEU A 123 -8.08 21.14 0.00
N HIS A 124 -8.49 20.55 1.11
CA HIS A 124 -7.57 20.35 2.24
C HIS A 124 -6.36 19.51 1.83
N VAL A 125 -6.58 18.44 1.08
CA VAL A 125 -5.47 17.59 0.68
C VAL A 125 -4.57 18.33 -0.33
N HIS A 126 -5.21 19.04 -1.26
CA HIS A 126 -4.50 19.87 -2.23
C HIS A 126 -3.58 20.86 -1.49
N GLU A 127 -4.13 21.53 -0.50
CA GLU A 127 -3.34 22.45 0.33
C GLU A 127 -2.20 21.76 1.11
N LEU A 128 -2.42 20.54 1.60
CA LEU A 128 -1.35 19.82 2.28
C LEU A 128 -0.17 19.63 1.33
N TYR A 129 -0.45 19.22 0.11
CA TYR A 129 0.62 19.04 -0.86
C TYR A 129 1.35 20.32 -1.20
N ILE A 130 0.63 21.44 -1.26
CA ILE A 130 1.26 22.72 -1.54
C ILE A 130 2.20 23.10 -0.38
N ARG A 131 1.73 22.90 0.84
CA ARG A 131 2.53 23.11 2.04
C ARG A 131 3.80 22.25 2.02
N ALA A 132 3.64 20.98 1.67
CA ALA A 132 4.79 20.09 1.59
C ALA A 132 5.80 20.65 0.59
N PHE A 133 5.31 21.03 -0.58
CA PHE A 133 6.20 21.58 -1.61
C PHE A 133 6.90 22.83 -1.11
N GLN A 134 6.17 23.68 -0.42
CA GLN A 134 6.76 24.90 0.10
C GLN A 134 7.88 24.62 1.11
N LYS A 135 7.62 23.70 2.04
CA LYS A 135 8.60 23.38 3.06
C LYS A 135 9.83 22.72 2.45
N LEU A 136 9.60 21.79 1.53
CA LEU A 136 10.70 21.09 0.88
C LEU A 136 11.59 22.05 0.09
N THR A 137 10.97 22.99 -0.61
CA THR A 137 11.75 23.91 -1.43
C THR A 137 12.41 25.01 -0.57
N ASP A 138 11.81 25.33 0.57
CA ASP A 138 12.40 26.29 1.49
C ASP A 138 13.63 25.74 2.23
N PHE A 139 13.81 24.44 2.22
CA PHE A 139 14.93 23.85 2.94
C PHE A 139 16.22 24.04 2.14
N PRO A 140 17.25 24.63 2.78
CA PRO A 140 18.49 24.91 2.08
C PRO A 140 19.19 23.64 1.65
N PRO A 141 20.04 23.72 0.62
CA PRO A 141 20.82 22.58 0.12
C PRO A 141 21.60 21.92 1.25
N ILE A 142 21.51 20.60 1.37
CA ILE A 142 22.24 19.89 2.42
C ILE A 142 23.75 19.96 2.19
N LYS A 143 24.47 20.48 3.19
CA LYS A 143 25.91 20.66 3.09
C LYS A 143 26.70 19.68 3.96
N ASP A 144 26.09 19.23 5.05
CA ASP A 144 26.79 18.41 6.05
C ASP A 144 25.82 17.56 6.86
N GLN A 145 26.35 16.74 7.76
CA GLN A 145 25.51 15.85 8.57
C GLN A 145 24.49 16.62 9.40
N ALA A 146 24.88 17.80 9.89
CA ALA A 146 23.97 18.65 10.64
C ALA A 146 22.74 18.97 9.82
N ASP A 147 22.93 19.43 8.59
CA ASP A 147 21.81 19.74 7.70
C ASP A 147 20.97 18.49 7.48
N GLU A 148 21.64 17.41 7.10
CA GLU A 148 20.95 16.18 6.75
C GLU A 148 20.06 15.72 7.91
N ALA A 149 20.57 15.85 9.13
CA ALA A 149 19.81 15.47 10.32
C ALA A 149 18.51 16.29 10.43
N GLN A 150 18.60 17.58 10.13
CA GLN A 150 17.44 18.46 10.20
C GLN A 150 16.47 18.18 9.05
N TYR A 151 17.00 17.92 7.86
CA TYR A 151 16.15 17.53 6.74
C TYR A 151 15.31 16.29 7.11
N CYS A 152 15.91 15.35 7.84
CA CYS A 152 15.18 14.15 8.28
C CYS A 152 14.02 14.52 9.21
N GLN A 153 14.20 15.54 10.04
CA GLN A 153 13.10 15.99 10.90
C GLN A 153 11.93 16.45 10.04
N LEU A 154 12.22 17.22 9.00
CA LEU A 154 11.18 17.73 8.11
C LEU A 154 10.47 16.55 7.43
N VAL A 155 11.27 15.62 6.92
CA VAL A 155 10.70 14.47 6.24
C VAL A 155 9.76 13.68 7.17
N ARG A 156 10.21 13.47 8.42
CA ARG A 156 9.38 12.77 9.40
CA ARG A 156 9.38 12.77 9.40
C ARG A 156 8.06 13.49 9.63
N GLN A 157 8.14 14.82 9.78
CA GLN A 157 6.96 15.64 10.01
C GLN A 157 5.97 15.50 8.85
N LEU A 158 6.48 15.61 7.63
CA LEU A 158 5.64 15.54 6.45
C LEU A 158 5.00 14.16 6.31
N LEU A 159 5.78 13.10 6.51
CA LEU A 159 5.21 11.76 6.47
C LEU A 159 4.05 11.64 7.44
N ASP A 160 4.23 12.16 8.64
CA ASP A 160 3.17 12.10 9.64
C ASP A 160 1.96 12.96 9.24
N ASP A 161 2.21 14.17 8.73
CA ASP A 161 1.15 15.09 8.32
C ASP A 161 0.30 14.52 7.18
N HIS A 162 0.90 13.66 6.38
CA HIS A 162 0.21 13.07 5.23
C HIS A 162 -0.29 11.64 5.46
N LYS A 163 -0.30 11.16 6.70
CA LYS A 163 -0.58 9.74 6.93
C LYS A 163 -2.03 9.33 6.65
N ASP A 164 -2.94 10.30 6.70
CA ASP A 164 -4.36 10.04 6.49
C ASP A 164 -4.84 10.45 5.10
N VAL A 165 -3.91 10.68 4.18
CA VAL A 165 -4.28 11.18 2.87
C VAL A 165 -5.21 10.23 2.10
N VAL A 166 -4.94 8.92 2.13
CA VAL A 166 -5.79 7.97 1.40
C VAL A 166 -7.25 8.07 1.86
N THR A 167 -7.44 8.17 3.16
CA THR A 167 -8.77 8.26 3.74
C THR A 167 -9.47 9.58 3.38
N LEU A 168 -8.72 10.66 3.41
CA LEU A 168 -9.27 11.97 3.07
C LEU A 168 -9.70 12.01 1.60
N LEU A 169 -8.86 11.48 0.71
CA LEU A 169 -9.23 11.39 -0.70
C LEU A 169 -10.48 10.55 -0.89
N ALA A 170 -10.57 9.43 -0.16
CA ALA A 170 -11.71 8.54 -0.27
C ALA A 170 -13.01 9.29 0.08
N GLU A 171 -12.98 9.98 1.20
CA GLU A 171 -14.14 10.75 1.66
C GLU A 171 -14.43 11.92 0.71
N GLY A 172 -13.37 12.62 0.31
CA GLY A 172 -13.53 13.80 -0.51
C GLY A 172 -14.14 13.44 -1.85
N LEU A 173 -13.79 12.25 -2.34
CA LEU A 173 -14.20 11.86 -3.68
C LEU A 173 -15.53 11.13 -3.71
N ARG A 174 -15.96 10.64 -2.55
CA ARG A 174 -17.08 9.71 -2.49
C ARG A 174 -18.32 10.25 -3.23
N GLU A 175 -18.78 11.43 -2.82
CA GLU A 175 -19.96 12.03 -3.44
C GLU A 175 -19.61 12.80 -4.71
N SER A 176 -18.61 13.66 -4.58
CA SER A 176 -18.18 14.54 -5.66
C SER A 176 -17.97 13.82 -7.02
N ARG A 177 -17.45 12.61 -7.01
CA ARG A 177 -17.15 11.93 -8.28
C ARG A 177 -18.41 11.62 -9.08
N LYS A 178 -19.55 11.59 -8.42
CA LYS A 178 -20.80 11.26 -9.08
C LYS A 178 -21.26 12.39 -10.01
N HIS A 179 -20.61 13.55 -9.86
CA HIS A 179 -21.03 14.77 -10.55
C HIS A 179 -20.38 14.95 -11.92
N ILE A 180 -19.45 14.08 -12.27
CA ILE A 180 -18.89 14.07 -13.61
C ILE A 180 -19.25 12.76 -14.30
N GLU A 181 -19.14 12.74 -15.63
CA GLU A 181 -19.54 11.55 -16.39
C GLU A 181 -18.39 10.61 -16.72
N ASP A 182 -17.25 11.15 -17.12
CA ASP A 182 -16.07 10.31 -17.35
C ASP A 182 -15.65 9.66 -16.04
N GLU A 183 -16.04 8.39 -15.86
CA GLU A 183 -15.74 7.67 -14.62
C GLU A 183 -14.30 7.17 -14.62
N LYS A 184 -13.73 7.08 -15.81
CA LYS A 184 -12.33 6.73 -15.95
C LYS A 184 -11.47 7.74 -15.22
N LEU A 185 -11.99 8.96 -15.09
CA LEU A 185 -11.19 10.09 -14.61
C LEU A 185 -10.70 9.93 -13.17
N VAL A 186 -11.63 9.65 -12.26
CA VAL A 186 -11.30 9.48 -10.85
C VAL A 186 -10.38 8.28 -10.65
N ARG A 187 -10.69 7.18 -11.33
CA ARG A 187 -9.85 5.98 -11.26
C ARG A 187 -8.41 6.30 -11.64
N TYR A 188 -8.25 7.04 -12.74
CA TYR A 188 -6.91 7.40 -13.20
C TYR A 188 -6.22 8.31 -12.19
N PHE A 189 -6.92 9.35 -11.73
CA PHE A 189 -6.37 10.24 -10.70
C PHE A 189 -5.93 9.47 -9.45
N LEU A 190 -6.80 8.61 -8.93
CA LEU A 190 -6.45 7.85 -7.73
C LEU A 190 -5.30 6.88 -7.95
N ASP A 191 -5.36 6.10 -9.03
CA ASP A 191 -4.24 5.21 -9.33
C ASP A 191 -2.93 5.98 -9.36
N LYS A 192 -2.91 7.08 -10.11
CA LYS A 192 -1.68 7.82 -10.28
C LYS A 192 -1.24 8.46 -8.96
N THR A 193 -2.19 9.03 -8.24
CA THR A 193 -1.89 9.72 -6.99
C THR A 193 -1.41 8.76 -5.89
N LEU A 194 -2.13 7.66 -5.70
CA LEU A 194 -1.79 6.75 -4.62
C LEU A 194 -0.49 5.99 -4.88
N THR A 195 -0.24 5.62 -6.13
CA THR A 195 1.00 4.91 -6.44
C THR A 195 2.21 5.84 -6.33
N SER A 196 2.07 7.08 -6.82
CA SER A 196 3.16 8.04 -6.69
C SER A 196 3.45 8.26 -5.21
N ARG A 197 2.38 8.41 -4.44
CA ARG A 197 2.52 8.60 -2.99
C ARG A 197 3.21 7.39 -2.34
N LEU A 198 2.84 6.18 -2.73
CA LEU A 198 3.51 5.00 -2.20
C LEU A 198 5.02 5.08 -2.45
N GLY A 199 5.40 5.42 -3.68
CA GLY A 199 6.79 5.48 -4.05
C GLY A 199 7.49 6.59 -3.29
N ILE A 200 6.82 7.72 -3.14
CA ILE A 200 7.39 8.83 -2.40
C ILE A 200 7.64 8.43 -0.95
N ARG A 201 6.64 7.81 -0.33
CA ARG A 201 6.80 7.39 1.04
C ARG A 201 7.88 6.30 1.18
N MET A 202 7.97 5.39 0.20
CA MET A 202 9.02 4.37 0.24
C MET A 202 10.40 5.02 0.22
N LEU A 203 10.59 5.98 -0.68
CA LEU A 203 11.87 6.66 -0.79
C LEU A 203 12.23 7.37 0.52
N ALA A 204 11.27 8.10 1.08
CA ALA A 204 11.53 8.92 2.25
C ALA A 204 11.80 8.02 3.45
N THR A 205 10.96 7.00 3.62
CA THR A 205 11.12 6.06 4.73
C THR A 205 12.42 5.25 4.61
N HIS A 206 12.81 4.94 3.38
CA HIS A 206 14.09 4.28 3.18
C HIS A 206 15.24 5.17 3.66
N HIS A 207 15.18 6.45 3.33
CA HIS A 207 16.26 7.34 3.76
C HIS A 207 16.34 7.40 5.28
N LEU A 208 15.21 7.62 5.95
CA LEU A 208 15.18 7.65 7.41
C LEU A 208 15.73 6.34 7.99
N ALA A 209 15.38 5.23 7.36
CA ALA A 209 15.74 3.91 7.87
C ALA A 209 17.23 3.64 7.76
N LEU A 210 17.91 4.35 6.87
CA LEU A 210 19.34 4.16 6.70
C LEU A 210 20.08 4.55 7.99
N HIS A 211 19.43 5.38 8.81
CA HIS A 211 20.00 5.79 10.09
C HIS A 211 19.83 4.69 11.16
N GLU A 212 18.96 3.73 10.90
CA GLU A 212 18.73 2.63 11.84
C GLU A 212 19.79 1.54 11.69
N ASP A 213 19.97 0.75 12.73
CA ASP A 213 20.97 -0.31 12.71
C ASP A 213 20.31 -1.69 12.80
N LYS A 214 19.07 -1.78 12.34
CA LYS A 214 18.34 -3.04 12.32
C LYS A 214 19.13 -4.11 11.57
N PRO A 215 19.30 -5.28 12.22
CA PRO A 215 19.87 -6.44 11.52
C PRO A 215 18.92 -6.95 10.42
N ASP A 216 19.49 -7.30 9.28
CA ASP A 216 18.74 -7.79 8.12
C ASP A 216 17.95 -6.70 7.38
N PHE A 217 18.30 -5.45 7.61
CA PHE A 217 17.73 -4.35 6.82
C PHE A 217 18.80 -3.43 6.29
N VAL A 218 18.68 -3.08 5.01
CA VAL A 218 19.34 -1.91 4.48
C VAL A 218 18.22 -0.94 4.18
N GLY A 219 18.08 0.09 5.00
CA GLY A 219 16.93 0.98 4.90
C GLY A 219 15.65 0.18 5.06
N ILE A 220 14.71 0.30 4.12
CA ILE A 220 13.49 -0.48 4.24
C ILE A 220 13.61 -1.81 3.51
N ILE A 221 14.79 -2.09 2.97
CA ILE A 221 14.99 -3.35 2.27
C ILE A 221 15.39 -4.45 3.25
N CYS A 222 14.55 -5.46 3.35
CA CYS A 222 14.91 -6.63 4.16
C CYS A 222 15.78 -7.56 3.32
N THR A 223 16.94 -7.93 3.86
CA THR A 223 17.89 -8.73 3.11
C THR A 223 17.55 -10.21 3.12
N ARG A 224 16.63 -10.61 4.00
CA ARG A 224 16.22 -12.00 4.08
C ARG A 224 14.77 -12.12 4.53
N LEU A 225 13.86 -11.55 3.76
CA LEU A 225 12.45 -11.59 4.11
C LEU A 225 11.86 -12.99 3.95
N SER A 226 11.04 -13.37 4.91
CA SER A 226 10.30 -14.62 4.87
C SER A 226 8.85 -14.26 4.57
N PRO A 227 8.35 -14.71 3.41
CA PRO A 227 6.95 -14.48 3.04
C PRO A 227 6.03 -15.10 4.08
N LYS A 228 6.37 -16.28 4.56
CA LYS A 228 5.52 -16.96 5.54
C LYS A 228 5.40 -16.11 6.80
N LYS A 229 6.52 -15.58 7.29
CA LYS A 229 6.54 -14.79 8.52
C LYS A 229 5.70 -13.52 8.38
N ILE A 230 5.86 -12.79 7.28
CA ILE A 230 5.09 -11.55 7.14
C ILE A 230 3.61 -11.84 6.89
N ILE A 231 3.31 -12.94 6.22
CA ILE A 231 1.92 -13.37 6.07
C ILE A 231 1.31 -13.69 7.44
N GLU A 232 2.03 -14.46 8.24
CA GLU A 232 1.57 -14.81 9.59
C GLU A 232 1.34 -13.58 10.45
N LYS A 233 2.20 -12.58 10.33
CA LYS A 233 1.99 -11.33 11.04
C LYS A 233 0.63 -10.74 10.68
N TRP A 234 0.30 -10.66 9.40
CA TRP A 234 -0.95 -10.03 9.02
C TRP A 234 -2.17 -10.91 9.21
N VAL A 235 -1.94 -12.22 9.17
CA VAL A 235 -2.96 -13.18 9.53
C VAL A 235 -3.42 -12.96 10.97
N ASP A 236 -2.47 -12.92 11.90
CA ASP A 236 -2.81 -12.66 13.31
C ASP A 236 -3.59 -11.36 13.47
N PHE A 237 -3.16 -10.31 12.77
CA PHE A 237 -3.84 -9.02 12.77
C PHE A 237 -5.27 -9.10 12.25
N ALA A 238 -5.46 -9.72 11.09
CA ALA A 238 -6.79 -9.81 10.49
C ALA A 238 -7.70 -10.72 11.32
N ARG A 239 -7.17 -11.84 11.81
CA ARG A 239 -7.94 -12.72 12.69
C ARG A 239 -8.49 -12.01 13.94
N ARG A 240 -7.69 -11.15 14.56
CA ARG A 240 -8.14 -10.38 15.71
C ARG A 240 -9.29 -9.44 15.39
N LEU A 241 -9.16 -8.66 14.32
CA LEU A 241 -10.26 -7.82 13.84
C LEU A 241 -11.50 -8.66 13.59
N CYS A 242 -11.32 -9.77 12.88
CA CYS A 242 -12.44 -10.63 12.50
C CYS A 242 -13.09 -11.23 13.75
N GLU A 243 -12.28 -11.76 14.66
CA GLU A 243 -12.76 -12.31 15.93
C GLU A 243 -13.56 -11.28 16.72
N HIS A 244 -13.17 -10.01 16.62
CA HIS A 244 -13.84 -8.95 17.34
C HIS A 244 -15.24 -8.72 16.79
N LYS A 245 -15.37 -8.75 15.46
CA LYS A 245 -16.65 -8.48 14.82
C LYS A 245 -17.62 -9.67 14.83
N TYR A 246 -17.10 -10.89 14.74
CA TYR A 246 -17.94 -12.06 14.51
C TYR A 246 -17.89 -13.12 15.61
N GLY A 247 -16.99 -12.97 16.58
CA GLY A 247 -16.86 -13.95 17.65
C GLY A 247 -15.94 -15.10 17.28
N ASN A 248 -15.46 -15.11 16.04
CA ASN A 248 -14.56 -16.15 15.55
C ASN A 248 -13.88 -15.70 14.24
N ALA A 249 -12.94 -16.50 13.75
CA ALA A 249 -12.25 -16.17 12.50
C ALA A 249 -11.76 -17.44 11.82
N PRO A 250 -11.75 -17.45 10.48
CA PRO A 250 -11.20 -18.63 9.83
C PRO A 250 -9.76 -18.87 10.28
N ARG A 251 -9.37 -20.13 10.43
CA ARG A 251 -7.96 -20.46 10.54
C ARG A 251 -7.36 -20.26 9.17
N VAL A 252 -6.06 -19.97 9.13
CA VAL A 252 -5.36 -19.79 7.88
C VAL A 252 -4.28 -20.85 7.77
N ARG A 253 -4.28 -21.60 6.67
CA ARG A 253 -3.16 -22.53 6.44
C ARG A 253 -2.27 -21.92 5.38
N ILE A 254 -0.97 -22.14 5.53
CA ILE A 254 -0.01 -21.62 4.57
C ILE A 254 0.80 -22.79 4.01
N ASN A 255 0.88 -22.89 2.68
CA ASN A 255 1.61 -23.99 2.06
C ASN A 255 2.44 -23.50 0.88
N GLY A 256 3.08 -24.42 0.15
CA GLY A 256 4.03 -24.06 -0.89
C GLY A 256 5.43 -23.77 -0.34
N HIS A 257 6.05 -22.68 -0.82
CA HIS A 257 7.44 -22.39 -0.43
C HIS A 257 7.53 -21.67 0.92
N VAL A 258 7.18 -22.40 1.98
CA VAL A 258 7.11 -21.85 3.32
C VAL A 258 8.47 -21.48 3.90
N ALA A 259 9.54 -22.06 3.37
CA ALA A 259 10.88 -21.80 3.89
C ALA A 259 11.64 -20.75 3.08
N ALA A 260 10.98 -20.13 2.11
CA ALA A 260 11.66 -19.18 1.24
C ALA A 260 12.15 -17.97 2.02
N ARG A 261 13.36 -17.51 1.68
CA ARG A 261 13.86 -16.24 2.19
C ARG A 261 14.68 -15.54 1.13
N PHE A 262 14.45 -14.25 0.97
CA PHE A 262 15.08 -13.49 -0.09
C PHE A 262 14.98 -11.99 0.19
N PRO A 263 15.85 -11.20 -0.45
CA PRO A 263 15.76 -9.73 -0.30
C PRO A 263 14.45 -9.21 -0.85
N PHE A 264 13.84 -8.28 -0.13
CA PHE A 264 12.52 -7.81 -0.47
C PHE A 264 12.16 -6.60 0.40
N ILE A 265 11.31 -5.73 -0.15
CA ILE A 265 10.82 -4.56 0.57
C ILE A 265 9.43 -4.87 1.13
N PRO A 266 9.32 -4.97 2.46
CA PRO A 266 8.08 -5.38 3.12
C PRO A 266 6.92 -4.41 2.94
N MET A 267 7.23 -3.12 2.84
CA MET A 267 6.19 -2.08 2.92
C MET A 267 4.93 -2.31 2.06
N PRO A 268 5.08 -2.61 0.77
CA PRO A 268 3.88 -2.89 -0.02
C PRO A 268 3.07 -4.09 0.49
N LEU A 269 3.76 -5.13 0.97
CA LEU A 269 3.06 -6.27 1.54
C LEU A 269 2.30 -5.85 2.79
N ASP A 270 2.87 -4.93 3.57
CA ASP A 270 2.21 -4.45 4.78
C ASP A 270 0.89 -3.74 4.47
N TYR A 271 0.78 -3.12 3.31
CA TYR A 271 -0.53 -2.59 2.95
CA TYR A 271 -0.49 -2.55 2.86
C TYR A 271 -1.42 -3.65 2.35
N ILE A 272 -0.91 -4.40 1.37
CA ILE A 272 -1.73 -5.30 0.60
C ILE A 272 -2.22 -6.51 1.39
N LEU A 273 -1.33 -7.18 2.11
CA LEU A 273 -1.73 -8.42 2.75
C LEU A 273 -2.97 -8.24 3.67
N PRO A 274 -2.93 -7.22 4.56
CA PRO A 274 -4.10 -7.11 5.44
C PRO A 274 -5.40 -6.81 4.69
N GLU A 275 -5.34 -6.02 3.61
CA GLU A 275 -6.55 -5.79 2.81
C GLU A 275 -7.15 -7.11 2.27
N LEU A 276 -6.30 -7.97 1.72
CA LEU A 276 -6.78 -9.21 1.09
C LEU A 276 -7.26 -10.19 2.15
N LEU A 277 -6.59 -10.20 3.29
CA LEU A 277 -6.98 -11.09 4.38
C LEU A 277 -8.31 -10.67 5.00
N LYS A 278 -8.49 -9.37 5.20
CA LYS A 278 -9.78 -8.88 5.72
C LYS A 278 -10.93 -9.25 4.78
N ASN A 279 -10.74 -9.04 3.48
CA ASN A 279 -11.72 -9.45 2.48
C ASN A 279 -12.09 -10.92 2.58
N ALA A 280 -11.08 -11.77 2.63
CA ALA A 280 -11.32 -13.21 2.60
C ALA A 280 -12.03 -13.65 3.88
N MET A 281 -11.64 -13.06 5.00
CA MET A 281 -12.24 -13.43 6.28
C MET A 281 -13.68 -12.94 6.40
N ARG A 282 -13.91 -11.69 6.04
CA ARG A 282 -15.27 -11.14 6.00
C ARG A 282 -16.17 -12.03 5.14
N ALA A 283 -15.73 -12.30 3.91
CA ALA A 283 -16.52 -13.11 2.97
C ALA A 283 -16.85 -14.45 3.62
N THR A 284 -15.86 -15.06 4.27
CA THR A 284 -16.05 -16.35 4.90
C THR A 284 -17.09 -16.30 6.04
N MET A 285 -17.00 -15.28 6.89
CA MET A 285 -17.92 -15.21 8.02
C MET A 285 -19.35 -14.90 7.54
N GLU A 286 -19.46 -13.97 6.59
CA GLU A 286 -20.77 -13.53 6.12
C GLU A 286 -21.50 -14.60 5.32
N SER A 287 -20.77 -15.61 4.85
CA SER A 287 -21.40 -16.75 4.16
C SER A 287 -21.61 -17.94 5.09
N HIS A 288 -21.24 -17.80 6.36
CA HIS A 288 -21.40 -18.88 7.32
C HIS A 288 -22.06 -18.41 8.62
N LEU A 289 -23.03 -17.52 8.46
CA LEU A 289 -23.73 -16.91 9.60
C LEU A 289 -24.44 -17.92 10.49
N ASP A 290 -24.65 -19.14 10.01
CA ASP A 290 -25.31 -20.18 10.80
C ASP A 290 -24.32 -20.97 11.63
N THR A 291 -23.06 -20.95 11.21
CA THR A 291 -22.03 -21.74 11.87
C THR A 291 -20.75 -20.92 12.10
N PRO A 292 -20.87 -19.81 12.84
CA PRO A 292 -19.69 -18.94 13.00
C PRO A 292 -18.58 -19.66 13.74
N TYR A 293 -18.93 -20.74 14.44
CA TYR A 293 -18.00 -21.48 15.27
C TYR A 293 -17.26 -22.54 14.46
N ASN A 294 -17.68 -22.71 13.21
CA ASN A 294 -17.09 -23.71 12.34
C ASN A 294 -17.09 -23.25 10.90
N VAL A 295 -16.06 -22.51 10.50
CA VAL A 295 -15.97 -21.99 9.14
C VAL A 295 -14.77 -22.56 8.40
N PRO A 296 -14.84 -22.61 7.07
CA PRO A 296 -13.76 -23.15 6.23
C PRO A 296 -12.48 -22.33 6.37
N ASP A 297 -11.32 -23.00 6.40
CA ASP A 297 -10.03 -22.30 6.47
C ASP A 297 -9.83 -21.44 5.25
N VAL A 298 -9.04 -20.40 5.41
CA VAL A 298 -8.47 -19.66 4.30
C VAL A 298 -7.13 -20.31 4.02
N VAL A 299 -6.82 -20.53 2.75
CA VAL A 299 -5.60 -21.26 2.43
C VAL A 299 -4.69 -20.40 1.61
N ILE A 300 -3.45 -20.23 2.07
CA ILE A 300 -2.53 -19.35 1.37
C ILE A 300 -1.39 -20.14 0.81
N THR A 301 -1.13 -19.97 -0.48
CA THR A 301 -0.03 -20.69 -1.12
C THR A 301 1.06 -19.71 -1.53
N ILE A 302 2.31 -20.04 -1.18
CA ILE A 302 3.45 -19.20 -1.54
C ILE A 302 4.23 -19.88 -2.65
N ALA A 303 4.46 -19.18 -3.75
CA ALA A 303 5.32 -19.70 -4.80
C ALA A 303 6.45 -18.72 -5.07
N ASN A 304 7.69 -19.17 -4.89
CA ASN A 304 8.85 -18.31 -5.06
C ASN A 304 9.71 -18.79 -6.23
N ASN A 305 9.93 -17.93 -7.21
CA ASN A 305 10.78 -18.32 -8.34
C ASN A 305 11.75 -17.19 -8.64
N ASP A 306 12.58 -17.35 -9.67
CA ASP A 306 13.59 -16.34 -9.95
C ASP A 306 13.01 -15.05 -10.52
N VAL A 307 11.77 -15.09 -10.98
CA VAL A 307 11.13 -13.90 -11.55
C VAL A 307 10.27 -13.15 -10.55
N ASP A 308 9.33 -13.86 -9.94
CA ASP A 308 8.43 -13.18 -9.01
C ASP A 308 8.11 -14.03 -7.80
N LEU A 309 7.40 -13.41 -6.87
CA LEU A 309 6.86 -14.06 -5.69
C LEU A 309 5.37 -14.06 -5.91
N ILE A 310 4.72 -15.22 -5.78
CA ILE A 310 3.27 -15.28 -5.93
C ILE A 310 2.66 -15.68 -4.60
N ILE A 311 1.65 -14.94 -4.17
CA ILE A 311 0.93 -15.31 -2.96
C ILE A 311 -0.52 -15.46 -3.34
N ARG A 312 -1.03 -16.70 -3.24
CA ARG A 312 -2.42 -16.99 -3.59
C ARG A 312 -3.22 -17.14 -2.32
N ILE A 313 -4.30 -16.36 -2.22
CA ILE A 313 -5.17 -16.39 -1.05
C ILE A 313 -6.53 -16.90 -1.47
N SER A 314 -6.85 -18.11 -1.01
CA SER A 314 -8.04 -18.82 -1.47
C SER A 314 -9.00 -18.99 -0.31
N ASP A 315 -10.25 -18.65 -0.53
CA ASP A 315 -11.25 -18.77 0.54
C ASP A 315 -12.44 -19.58 0.03
N ARG A 316 -13.28 -20.02 0.96
CA ARG A 316 -14.53 -20.64 0.60
C ARG A 316 -15.66 -19.74 1.08
N GLY A 317 -15.53 -18.44 0.82
CA GLY A 317 -16.50 -17.48 1.28
C GLY A 317 -17.64 -17.18 0.32
N GLY A 318 -17.86 -18.05 -0.67
CA GLY A 318 -19.03 -17.96 -1.54
C GLY A 318 -18.80 -17.26 -2.89
N GLY A 319 -17.65 -16.61 -3.04
CA GLY A 319 -17.29 -15.99 -4.31
C GLY A 319 -17.74 -14.55 -4.46
N ILE A 320 -17.32 -13.91 -5.54
CA ILE A 320 -17.78 -12.58 -5.90
C ILE A 320 -18.84 -12.75 -6.99
N ALA A 321 -20.06 -12.32 -6.69
CA ALA A 321 -21.20 -12.48 -7.59
C ALA A 321 -20.95 -11.88 -8.97
N HIS A 322 -21.48 -12.56 -9.99
CA HIS A 322 -21.40 -12.06 -11.36
C HIS A 322 -21.83 -10.60 -11.48
N LYS A 323 -22.93 -10.23 -10.81
CA LYS A 323 -23.40 -8.85 -10.87
C LYS A 323 -22.44 -7.83 -10.23
N ASP A 324 -21.56 -8.29 -9.34
CA ASP A 324 -20.60 -7.39 -8.69
C ASP A 324 -19.21 -7.39 -9.29
N LEU A 325 -18.94 -8.37 -10.15
CA LEU A 325 -17.56 -8.65 -10.55
C LEU A 325 -16.86 -7.48 -11.26
N ASP A 326 -17.58 -6.79 -12.14
CA ASP A 326 -16.99 -5.69 -12.89
C ASP A 326 -16.93 -4.41 -12.07
N ARG A 327 -17.37 -4.49 -10.81
CA ARG A 327 -17.38 -3.31 -9.93
C ARG A 327 -16.40 -3.41 -8.78
N VAL A 328 -16.00 -4.62 -8.38
CA VAL A 328 -15.20 -4.75 -7.16
C VAL A 328 -13.86 -4.03 -7.25
N MET A 329 -13.32 -3.85 -8.44
CA MET A 329 -12.07 -3.09 -8.60
C MET A 329 -12.25 -1.57 -8.70
N ASP A 330 -13.48 -1.09 -8.56
CA ASP A 330 -13.73 0.34 -8.60
C ASP A 330 -13.45 0.94 -7.24
N TYR A 331 -12.71 2.04 -7.16
CA TYR A 331 -12.67 2.77 -5.91
C TYR A 331 -14.08 3.08 -5.41
N HIS A 332 -14.30 2.95 -4.11
CA HIS A 332 -15.60 3.27 -3.48
C HIS A 332 -16.64 2.15 -3.51
N PHE A 333 -16.51 1.18 -4.41
CA PHE A 333 -17.52 0.12 -4.45
C PHE A 333 -17.38 -0.86 -3.27
N THR A 334 -18.46 -1.10 -2.56
CA THR A 334 -18.40 -2.03 -1.45
C THR A 334 -19.78 -2.66 -1.30
N THR A 335 -19.83 -3.88 -0.79
CA THR A 335 -21.12 -4.50 -0.49
C THR A 335 -21.42 -4.46 1.01
N ALA A 336 -20.53 -3.86 1.79
CA ALA A 336 -20.73 -3.74 3.23
C ALA A 336 -21.85 -2.73 3.54
N GLY A 365 -14.96 -1.75 4.79
CA GLY A 365 -14.84 -0.33 5.08
C GLY A 365 -15.40 0.56 3.97
N PHE A 366 -14.52 1.24 3.26
CA PHE A 366 -14.94 2.21 2.25
C PHE A 366 -14.56 1.87 0.82
N GLY A 367 -14.34 0.59 0.53
CA GLY A 367 -14.17 0.13 -0.84
C GLY A 367 -12.88 0.53 -1.54
N PHE A 368 -11.78 0.63 -0.82
CA PHE A 368 -10.50 1.00 -1.43
C PHE A 368 -9.52 -0.18 -1.47
N GLY A 369 -9.78 -1.19 -0.66
CA GLY A 369 -8.84 -2.30 -0.51
C GLY A 369 -8.34 -2.90 -1.81
N LEU A 370 -9.28 -3.31 -2.66
CA LEU A 370 -8.92 -3.99 -3.92
C LEU A 370 -8.24 -3.09 -4.96
N PRO A 371 -8.86 -1.96 -5.32
CA PRO A 371 -8.27 -1.09 -6.34
C PRO A 371 -6.92 -0.52 -5.90
N THR A 372 -6.80 -0.17 -4.63
CA THR A 372 -5.53 0.30 -4.11
C THR A 372 -4.46 -0.81 -4.17
N SER A 373 -4.79 -2.01 -3.69
CA SER A 373 -3.82 -3.11 -3.73
C SER A 373 -3.38 -3.42 -5.15
N ARG A 374 -4.33 -3.44 -6.08
CA ARG A 374 -3.97 -3.69 -7.45
C ARG A 374 -3.06 -2.58 -7.99
N ALA A 375 -3.41 -1.32 -7.72
CA ALA A 375 -2.58 -0.24 -8.22
C ALA A 375 -1.17 -0.37 -7.63
N TYR A 376 -1.08 -0.65 -6.34
CA TYR A 376 0.25 -0.81 -5.74
C TYR A 376 1.04 -1.95 -6.41
N ALA A 377 0.38 -3.07 -6.65
CA ALA A 377 1.10 -4.23 -7.18
C ALA A 377 1.64 -3.92 -8.56
N GLU A 378 0.79 -3.32 -9.41
CA GLU A 378 1.20 -2.99 -10.75
C GLU A 378 2.30 -1.90 -10.76
N TYR A 379 2.17 -0.93 -9.87
CA TYR A 379 3.20 0.12 -9.74
C TYR A 379 4.59 -0.50 -9.54
N LEU A 380 4.63 -1.59 -8.80
CA LEU A 380 5.91 -2.24 -8.48
C LEU A 380 6.29 -3.35 -9.48
N GLY A 381 5.50 -3.51 -10.54
CA GLY A 381 5.86 -4.45 -11.59
C GLY A 381 5.17 -5.81 -11.47
N GLY A 382 4.19 -5.89 -10.58
CA GLY A 382 3.45 -7.12 -10.35
C GLY A 382 2.01 -6.97 -10.78
N SER A 383 1.13 -7.73 -10.14
CA SER A 383 -0.29 -7.69 -10.47
C SER A 383 -1.12 -8.27 -9.34
N LEU A 384 -2.42 -8.04 -9.43
CA LEU A 384 -3.39 -8.59 -8.49
C LEU A 384 -4.55 -9.09 -9.31
N GLN A 385 -4.79 -10.40 -9.28
CA GLN A 385 -5.83 -11.01 -10.13
C GLN A 385 -6.80 -11.81 -9.31
N LEU A 386 -8.06 -11.77 -9.69
CA LEU A 386 -9.12 -12.41 -8.93
C LEU A 386 -9.73 -13.54 -9.74
N GLN A 387 -9.99 -14.67 -9.10
CA GLN A 387 -10.75 -15.76 -9.74
C GLN A 387 -11.92 -16.09 -8.85
N SER A 388 -13.12 -15.78 -9.33
CA SER A 388 -14.34 -16.04 -8.58
C SER A 388 -15.00 -17.37 -8.98
N LEU A 389 -15.26 -18.21 -7.97
CA LEU A 389 -16.08 -19.41 -8.16
C LEU A 389 -17.41 -19.15 -7.47
N GLN A 390 -18.33 -18.50 -8.19
CA GLN A 390 -19.60 -18.12 -7.56
C GLN A 390 -20.31 -19.32 -6.95
N GLY A 391 -20.65 -19.21 -5.68
CA GLY A 391 -21.28 -20.31 -4.95
C GLY A 391 -20.27 -21.06 -4.06
N ILE A 392 -18.98 -20.85 -4.31
CA ILE A 392 -17.95 -21.58 -3.54
C ILE A 392 -16.97 -20.65 -2.80
N GLY A 393 -16.27 -19.81 -3.55
CA GLY A 393 -15.21 -19.02 -2.96
C GLY A 393 -14.43 -18.22 -4.01
N THR A 394 -13.34 -17.62 -3.57
CA THR A 394 -12.57 -16.74 -4.43
C THR A 394 -11.10 -17.05 -4.24
N ASP A 395 -10.33 -17.03 -5.33
CA ASP A 395 -8.87 -17.10 -5.27
C ASP A 395 -8.32 -15.75 -5.67
N VAL A 396 -7.44 -15.21 -4.83
CA VAL A 396 -6.81 -13.94 -5.14
C VAL A 396 -5.32 -14.17 -5.29
N TYR A 397 -4.76 -13.66 -6.39
CA TYR A 397 -3.36 -13.93 -6.70
C TYR A 397 -2.60 -12.62 -6.66
N LEU A 398 -1.71 -12.48 -5.68
CA LEU A 398 -0.81 -11.35 -5.61
C LEU A 398 0.56 -11.76 -6.16
N ARG A 399 1.00 -11.06 -7.19
CA ARG A 399 2.32 -11.29 -7.76
C ARG A 399 3.17 -10.04 -7.60
N LEU A 400 4.37 -10.21 -7.06
CA LEU A 400 5.29 -9.09 -6.94
C LEU A 400 6.64 -9.51 -7.49
N ARG A 401 7.21 -8.66 -8.33
CA ARG A 401 8.49 -8.96 -8.97
C ARG A 401 9.62 -8.94 -7.95
N HIS A 402 10.61 -9.82 -8.14
CA HIS A 402 11.76 -9.85 -7.24
C HIS A 402 12.67 -8.64 -7.41
N ILE A 403 13.44 -8.37 -6.37
CA ILE A 403 14.40 -7.28 -6.37
C ILE A 403 15.58 -7.59 -7.27
N ASP A 404 16.04 -6.61 -8.03
CA ASP A 404 17.22 -6.82 -8.85
C ASP A 404 18.51 -6.41 -8.13
N GLY A 405 19.17 -7.41 -7.56
CA GLY A 405 20.54 -7.25 -7.12
C GLY A 405 21.43 -7.47 -8.32
#